data_1YUW
#
_entry.id   1YUW
#
_cell.length_a   65.694
_cell.length_b   50.140
_cell.length_c   87.156
_cell.angle_alpha   90.00
_cell.angle_beta   99.86
_cell.angle_gamma   90.00
#
_symmetry.space_group_name_H-M   'P 1 21 1'
#
loop_
_entity.id
_entity.type
_entity.pdbx_description
1 polymer 'Heat shock cognate 71 kDa protein'
2 water water
#
_entity_poly.entity_id   1
_entity_poly.type   'polypeptide(L)'
_entity_poly.pdbx_seq_one_letter_code
;MSKGPAVGIDLGTTYSCVGVFQHGKVEIIANDQGNRTTPSYVAFTDTERLIGDAAKNQVAMNPTNTVFDAKRLIGRRFDD
AVVQSDMKHWPFMVVNDAGRPKVQVEYKGETKSFYPEEVSSMVLTKMKEIAEAYLGKTVTNAVVTVPAYFNDSQRQATKD
AGTIAGLNVLRIINEPTAAAIAYGLDKKVGAERNVLIFDLGGGTFDVSILTIAAGIFEVKSTAGDTHLGGEDFDNRMVNH
FIAEFKRKHKKDISENKRAVRRLRTACERAKRTLSSSTQASIEIDSLYEGIDFYTSITRARFEELNADLFRGTLDPVEKA
LRDAKLDKSQIHDIVLVGGSTRIPKIQKLLQDFFNGKELNKSINPDEAVAYGAAVQAAILSGDKSENVQDLLLLDVTPLS
LGIETAGGVMTVLIKRNTTIPTKQTQTFTTYSDNQPGVLIQVYEGERAMTKDNNLLGKFELTGIPPAPRGVPQIEVTFDI
DANGILNVSAVDKSTGKENKITITNDKGRLSKEDIERMVQEAEKYKAEDEKQRDKVSSKNSLESYAFNMKATVE
;
_entity_poly.pdbx_strand_id   A
#
# COMPACT_ATOMS: atom_id res chain seq x y z
N MET A 1 4.75 -30.18 16.99
CA MET A 1 4.08 -29.27 16.02
C MET A 1 5.03 -28.14 15.63
N SER A 2 6.33 -28.44 15.66
CA SER A 2 7.37 -27.49 15.30
C SER A 2 8.02 -27.90 13.98
N LYS A 3 7.17 -28.19 12.98
CA LYS A 3 7.62 -28.61 11.65
C LYS A 3 7.34 -27.51 10.61
N GLY A 4 8.02 -26.38 10.75
CA GLY A 4 7.84 -25.28 9.82
C GLY A 4 7.22 -24.02 10.42
N PRO A 5 8.03 -23.00 10.72
CA PRO A 5 7.51 -21.76 11.28
C PRO A 5 6.74 -20.98 10.21
N ALA A 6 6.72 -19.66 10.34
CA ALA A 6 6.02 -18.82 9.38
C ALA A 6 7.01 -18.07 8.50
N VAL A 7 6.66 -17.88 7.23
CA VAL A 7 7.53 -17.20 6.29
C VAL A 7 6.94 -15.89 5.75
N GLY A 8 7.72 -14.81 5.78
CA GLY A 8 7.24 -13.53 5.29
C GLY A 8 7.90 -13.22 3.97
N ILE A 9 7.10 -12.90 2.95
CA ILE A 9 7.66 -12.60 1.63
C ILE A 9 7.22 -11.27 0.97
N ASP A 10 8.20 -10.50 0.52
CA ASP A 10 7.96 -9.23 -0.18
C ASP A 10 8.16 -9.51 -1.66
N LEU A 11 7.06 -9.78 -2.36
CA LEU A 11 7.09 -10.07 -3.79
C LEU A 11 7.21 -8.77 -4.55
N GLY A 12 8.44 -8.27 -4.66
CA GLY A 12 8.66 -7.02 -5.33
C GLY A 12 8.73 -7.13 -6.83
N THR A 13 8.59 -6.00 -7.49
CA THR A 13 8.65 -5.97 -8.93
C THR A 13 10.00 -6.42 -9.45
N THR A 14 11.07 -5.72 -9.09
CA THR A 14 12.38 -6.13 -9.58
C THR A 14 13.07 -7.15 -8.69
N TYR A 15 12.93 -7.01 -7.38
CA TYR A 15 13.55 -7.98 -6.50
C TYR A 15 12.52 -8.49 -5.51
N SER A 16 12.83 -9.60 -4.86
CA SER A 16 11.93 -10.14 -3.86
C SER A 16 12.76 -10.43 -2.63
N CYS A 17 12.11 -10.46 -1.46
CA CYS A 17 12.79 -10.69 -0.21
C CYS A 17 11.96 -11.59 0.71
N VAL A 18 12.63 -12.53 1.36
CA VAL A 18 11.97 -13.44 2.28
C VAL A 18 12.69 -13.49 3.62
N GLY A 19 11.94 -13.22 4.69
CA GLY A 19 12.49 -13.25 6.02
C GLY A 19 11.68 -14.19 6.89
N VAL A 20 12.14 -14.39 8.12
CA VAL A 20 11.43 -15.27 9.04
C VAL A 20 11.66 -14.81 10.47
N PHE A 21 10.63 -14.96 11.30
CA PHE A 21 10.70 -14.58 12.70
C PHE A 21 11.04 -15.83 13.52
N GLN A 22 12.25 -15.88 14.03
CA GLN A 22 12.74 -17.00 14.81
C GLN A 22 13.50 -16.51 16.06
N HIS A 23 13.15 -17.06 17.22
CA HIS A 23 13.80 -16.69 18.48
C HIS A 23 13.66 -15.19 18.78
N GLY A 24 12.43 -14.69 18.78
CA GLY A 24 12.20 -13.27 19.05
C GLY A 24 13.01 -12.29 18.20
N LYS A 25 13.34 -12.68 16.98
CA LYS A 25 14.12 -11.83 16.09
C LYS A 25 13.77 -12.10 14.63
N VAL A 26 13.80 -11.05 13.80
CA VAL A 26 13.51 -11.19 12.38
C VAL A 26 14.81 -11.52 11.68
N GLU A 27 14.76 -12.45 10.73
CA GLU A 27 15.96 -12.84 10.01
C GLU A 27 15.67 -12.90 8.52
N ILE A 28 16.37 -12.10 7.74
CA ILE A 28 16.20 -12.05 6.30
C ILE A 28 17.14 -13.09 5.66
N ILE A 29 16.55 -14.13 5.06
CA ILE A 29 17.26 -15.24 4.44
C ILE A 29 18.06 -14.93 3.18
N ALA A 30 19.37 -15.19 3.22
CA ALA A 30 20.20 -14.95 2.04
C ALA A 30 20.09 -16.18 1.14
N ASN A 31 20.15 -15.96 -0.17
CA ASN A 31 20.02 -17.07 -1.11
C ASN A 31 21.29 -17.88 -1.33
N ASP A 32 21.18 -18.88 -2.21
CA ASP A 32 22.28 -19.79 -2.53
C ASP A 32 23.56 -19.12 -3.03
N GLN A 33 23.49 -17.82 -3.32
CA GLN A 33 24.66 -17.11 -3.78
C GLN A 33 24.99 -15.96 -2.83
N GLY A 34 24.47 -16.07 -1.61
CA GLY A 34 24.71 -15.08 -0.57
C GLY A 34 23.93 -13.77 -0.54
N ASN A 35 22.97 -13.59 -1.44
CA ASN A 35 22.20 -12.36 -1.47
C ASN A 35 20.95 -12.33 -0.59
N ARG A 36 20.68 -11.16 0.01
CA ARG A 36 19.53 -10.96 0.89
C ARG A 36 18.26 -10.81 0.08
N THR A 37 18.38 -10.26 -1.13
CA THR A 37 17.22 -10.11 -1.99
C THR A 37 17.51 -10.93 -3.25
N THR A 38 16.46 -11.28 -3.99
CA THR A 38 16.63 -12.07 -5.21
C THR A 38 15.87 -11.44 -6.36
N PRO A 39 16.53 -11.24 -7.52
CA PRO A 39 15.87 -10.62 -8.68
C PRO A 39 14.64 -11.42 -9.10
N SER A 40 13.54 -10.72 -9.34
CA SER A 40 12.31 -11.38 -9.76
C SER A 40 12.38 -11.64 -11.26
N TYR A 41 13.30 -12.50 -11.66
CA TYR A 41 13.49 -12.84 -13.06
C TYR A 41 13.31 -14.33 -13.32
N VAL A 42 12.87 -14.67 -14.53
CA VAL A 42 12.71 -16.07 -14.89
C VAL A 42 13.13 -16.21 -16.33
N ALA A 43 14.32 -16.77 -16.52
CA ALA A 43 14.84 -16.94 -17.87
C ALA A 43 14.65 -18.33 -18.40
N PHE A 44 14.37 -18.42 -19.69
CA PHE A 44 14.17 -19.69 -20.36
C PHE A 44 15.24 -19.88 -21.42
N THR A 45 15.93 -21.02 -21.38
CA THR A 45 16.99 -21.34 -22.34
C THR A 45 16.69 -22.66 -23.03
N ASP A 46 17.58 -23.13 -23.89
CA ASP A 46 17.34 -24.40 -24.55
C ASP A 46 17.77 -25.59 -23.70
N THR A 47 18.15 -25.34 -22.44
CA THR A 47 18.54 -26.41 -21.52
C THR A 47 18.11 -26.23 -20.07
N GLU A 48 17.41 -25.15 -19.74
CA GLU A 48 17.00 -24.99 -18.35
C GLU A 48 16.24 -23.71 -18.07
N ARG A 49 15.53 -23.70 -16.96
CA ARG A 49 14.77 -22.53 -16.57
C ARG A 49 15.50 -21.90 -15.38
N LEU A 50 15.93 -20.64 -15.56
CA LEU A 50 16.66 -19.95 -14.52
C LEU A 50 15.82 -18.93 -13.73
N ILE A 51 16.07 -18.83 -12.43
CA ILE A 51 15.33 -17.90 -11.58
C ILE A 51 16.21 -17.18 -10.56
N GLY A 52 16.03 -15.87 -10.47
CA GLY A 52 16.81 -15.08 -9.53
C GLY A 52 18.04 -14.46 -10.13
N ASP A 53 19.13 -14.47 -9.36
CA ASP A 53 20.38 -13.90 -9.81
C ASP A 53 20.80 -14.51 -11.15
N ALA A 54 20.73 -15.84 -11.22
CA ALA A 54 21.13 -16.60 -12.41
C ALA A 54 20.44 -16.22 -13.72
N ALA A 55 19.14 -15.92 -13.65
CA ALA A 55 18.38 -15.55 -14.84
C ALA A 55 18.80 -14.16 -15.29
N LYS A 56 18.82 -13.22 -14.34
CA LYS A 56 19.19 -11.84 -14.62
C LYS A 56 20.60 -11.62 -15.18
N ASN A 57 21.56 -12.42 -14.77
CA ASN A 57 22.93 -12.25 -15.26
C ASN A 57 23.13 -12.59 -16.73
N GLN A 58 22.17 -13.28 -17.34
CA GLN A 58 22.29 -13.65 -18.74
C GLN A 58 21.30 -12.91 -19.60
N VAL A 59 20.56 -11.99 -19.01
CA VAL A 59 19.55 -11.22 -19.73
C VAL A 59 20.08 -10.63 -21.02
N ALA A 60 21.34 -10.19 -21.00
CA ALA A 60 21.95 -9.59 -22.18
C ALA A 60 21.94 -10.55 -23.35
N MET A 61 22.27 -11.80 -23.07
CA MET A 61 22.33 -12.85 -24.09
C MET A 61 20.98 -13.46 -24.51
N ASN A 62 20.02 -13.50 -23.59
CA ASN A 62 18.72 -14.10 -23.88
C ASN A 62 17.52 -13.18 -23.55
N PRO A 63 17.56 -11.94 -24.05
CA PRO A 63 16.55 -10.89 -23.86
C PRO A 63 15.11 -11.33 -24.07
N THR A 64 14.86 -11.94 -25.21
CA THR A 64 13.52 -12.38 -25.58
C THR A 64 12.94 -13.46 -24.70
N ASN A 65 13.79 -14.16 -23.95
CA ASN A 65 13.25 -15.21 -23.09
C ASN A 65 13.46 -14.99 -21.61
N THR A 66 13.98 -13.83 -21.23
CA THR A 66 14.20 -13.51 -19.83
C THR A 66 13.11 -12.53 -19.39
N VAL A 67 12.10 -13.07 -18.72
CA VAL A 67 10.97 -12.29 -18.29
C VAL A 67 11.14 -11.59 -16.95
N PHE A 68 10.52 -10.41 -16.80
CA PHE A 68 10.59 -9.61 -15.57
C PHE A 68 9.41 -8.62 -15.55
N ASP A 69 9.12 -8.02 -14.40
CA ASP A 69 8.01 -7.08 -14.30
C ASP A 69 6.67 -7.81 -14.40
N ALA A 70 6.65 -9.06 -13.95
CA ALA A 70 5.41 -9.84 -13.98
C ALA A 70 4.38 -9.22 -13.06
N LYS A 71 4.87 -8.55 -12.01
CA LYS A 71 4.00 -7.90 -11.04
C LYS A 71 3.14 -6.83 -11.69
N ARG A 72 3.57 -6.31 -12.84
CA ARG A 72 2.81 -5.28 -13.56
C ARG A 72 1.66 -5.88 -14.39
N LEU A 73 1.54 -7.20 -14.42
CA LEU A 73 0.50 -7.84 -15.20
C LEU A 73 -0.51 -8.52 -14.32
N ILE A 74 0.02 -9.13 -13.26
CA ILE A 74 -0.77 -9.87 -12.32
C ILE A 74 -2.19 -9.33 -12.09
N GLY A 75 -3.17 -10.23 -12.25
CA GLY A 75 -4.56 -9.86 -12.07
C GLY A 75 -5.21 -9.04 -13.17
N ARG A 76 -4.42 -8.45 -14.06
CA ARG A 76 -4.93 -7.62 -15.14
C ARG A 76 -5.49 -8.37 -16.37
N ARG A 77 -6.26 -7.66 -17.20
CA ARG A 77 -6.83 -8.20 -18.43
C ARG A 77 -5.92 -7.71 -19.56
N PHE A 78 -5.72 -8.53 -20.59
CA PHE A 78 -4.83 -8.14 -21.68
C PHE A 78 -5.14 -6.76 -22.23
N ASP A 79 -6.42 -6.40 -22.26
CA ASP A 79 -6.79 -5.07 -22.74
C ASP A 79 -7.04 -4.24 -21.47
N ASP A 80 -5.97 -3.66 -20.94
CA ASP A 80 -6.01 -2.86 -19.73
C ASP A 80 -5.26 -1.53 -19.89
N ALA A 81 -4.78 -1.25 -21.10
CA ALA A 81 -4.07 0.00 -21.39
C ALA A 81 -2.77 0.11 -20.61
N VAL A 82 -2.83 -0.08 -19.30
CA VAL A 82 -1.64 -0.03 -18.49
C VAL A 82 -0.75 -1.15 -19.05
N VAL A 83 -1.40 -2.28 -19.38
CA VAL A 83 -0.72 -3.44 -19.94
C VAL A 83 -0.25 -3.12 -21.36
N GLN A 84 -1.11 -2.48 -22.14
CA GLN A 84 -0.75 -2.14 -23.51
C GLN A 84 0.36 -1.12 -23.55
N SER A 85 0.43 -0.28 -22.53
CA SER A 85 1.49 0.72 -22.51
C SER A 85 2.79 0.08 -22.06
N ASP A 86 2.73 -0.84 -21.10
CA ASP A 86 3.93 -1.50 -20.61
C ASP A 86 4.54 -2.46 -21.64
N MET A 87 3.70 -3.28 -22.27
CA MET A 87 4.18 -4.25 -23.26
C MET A 87 5.17 -3.63 -24.22
N LYS A 88 4.92 -2.37 -24.57
CA LYS A 88 5.78 -1.69 -25.50
C LYS A 88 7.21 -1.50 -24.97
N HIS A 89 7.41 -1.74 -23.68
CA HIS A 89 8.74 -1.58 -23.08
C HIS A 89 9.48 -2.91 -22.81
N TRP A 90 8.87 -4.02 -23.14
CA TRP A 90 9.50 -5.30 -22.87
C TRP A 90 10.05 -6.05 -24.08
N PRO A 91 11.19 -6.74 -23.89
CA PRO A 91 11.83 -7.52 -24.95
C PRO A 91 10.98 -8.75 -25.28
N PHE A 92 10.51 -9.42 -24.23
CA PHE A 92 9.70 -10.63 -24.39
C PHE A 92 8.28 -10.32 -24.86
N MET A 93 7.58 -11.38 -25.24
CA MET A 93 6.21 -11.26 -25.75
C MET A 93 5.06 -11.46 -24.76
N VAL A 94 3.97 -10.76 -25.04
CA VAL A 94 2.76 -10.84 -24.26
C VAL A 94 1.68 -11.17 -25.26
N VAL A 95 0.93 -12.24 -25.00
CA VAL A 95 -0.13 -12.65 -25.90
C VAL A 95 -1.43 -12.69 -25.13
N ASN A 96 -2.54 -12.52 -25.85
CA ASN A 96 -3.85 -12.55 -25.24
C ASN A 96 -4.54 -13.90 -25.37
N ASP A 97 -4.54 -14.66 -24.28
CA ASP A 97 -5.20 -15.95 -24.30
C ASP A 97 -6.55 -15.82 -23.61
N ALA A 98 -7.60 -15.69 -24.42
CA ALA A 98 -8.96 -15.57 -23.92
C ALA A 98 -9.15 -14.47 -22.86
N GLY A 99 -8.66 -13.27 -23.15
CA GLY A 99 -8.84 -12.15 -22.23
C GLY A 99 -7.69 -11.80 -21.29
N ARG A 100 -6.99 -12.79 -20.77
CA ARG A 100 -5.88 -12.57 -19.87
C ARG A 100 -4.53 -12.69 -20.59
N PRO A 101 -3.50 -11.99 -20.09
CA PRO A 101 -2.16 -12.00 -20.67
C PRO A 101 -1.34 -13.25 -20.36
N LYS A 102 -0.44 -13.60 -21.27
CA LYS A 102 0.45 -14.74 -21.09
C LYS A 102 1.77 -14.34 -21.77
N VAL A 103 2.88 -14.51 -21.07
CA VAL A 103 4.16 -14.19 -21.66
C VAL A 103 4.56 -15.43 -22.46
N GLN A 104 4.98 -15.21 -23.71
CA GLN A 104 5.37 -16.30 -24.62
C GLN A 104 6.89 -16.38 -24.82
N VAL A 105 7.45 -17.58 -24.68
CA VAL A 105 8.90 -17.72 -24.82
C VAL A 105 9.33 -19.00 -25.51
N GLU A 106 10.63 -19.11 -25.73
CA GLU A 106 11.21 -20.28 -26.35
C GLU A 106 11.90 -20.96 -25.18
N TYR A 107 11.43 -22.14 -24.83
CA TYR A 107 12.01 -22.88 -23.72
C TYR A 107 12.34 -24.26 -24.24
N LYS A 108 13.58 -24.68 -24.05
CA LYS A 108 14.02 -25.98 -24.54
C LYS A 108 13.52 -26.19 -25.96
N GLY A 109 13.79 -25.20 -26.81
CA GLY A 109 13.39 -25.29 -28.21
C GLY A 109 11.92 -25.09 -28.54
N GLU A 110 11.03 -25.33 -27.58
CA GLU A 110 9.60 -25.16 -27.82
C GLU A 110 9.01 -23.84 -27.33
N THR A 111 7.97 -23.39 -28.03
CA THR A 111 7.25 -22.16 -27.70
C THR A 111 6.30 -22.44 -26.54
N LYS A 112 6.41 -21.63 -25.49
CA LYS A 112 5.58 -21.82 -24.31
C LYS A 112 4.96 -20.52 -23.85
N SER A 113 3.77 -20.60 -23.25
CA SER A 113 3.12 -19.41 -22.74
C SER A 113 2.84 -19.57 -21.25
N PHE A 114 2.94 -18.48 -20.49
CA PHE A 114 2.69 -18.54 -19.05
C PHE A 114 1.85 -17.42 -18.50
N TYR A 115 0.93 -17.77 -17.61
CA TYR A 115 0.10 -16.77 -16.99
C TYR A 115 1.03 -15.99 -16.06
N PRO A 116 0.70 -14.74 -15.77
CA PRO A 116 1.57 -13.98 -14.88
C PRO A 116 1.69 -14.68 -13.52
N GLU A 117 0.56 -15.01 -12.92
CA GLU A 117 0.53 -15.70 -11.63
C GLU A 117 1.53 -16.85 -11.57
N GLU A 118 1.74 -17.51 -12.71
CA GLU A 118 2.67 -18.62 -12.74
C GLU A 118 4.10 -18.10 -12.74
N VAL A 119 4.37 -17.08 -13.55
CA VAL A 119 5.70 -16.51 -13.59
C VAL A 119 6.08 -16.19 -12.15
N SER A 120 5.14 -15.56 -11.44
CA SER A 120 5.38 -15.22 -10.06
C SER A 120 5.58 -16.46 -9.22
N SER A 121 4.77 -17.50 -9.43
CA SER A 121 4.93 -18.71 -8.63
C SER A 121 6.38 -19.21 -8.73
N MET A 122 6.99 -19.02 -9.90
CA MET A 122 8.37 -19.44 -10.10
C MET A 122 9.29 -18.62 -9.22
N VAL A 123 8.95 -17.37 -9.02
CA VAL A 123 9.73 -16.51 -8.16
C VAL A 123 9.53 -16.96 -6.72
N LEU A 124 8.27 -17.17 -6.34
CA LEU A 124 7.96 -17.60 -4.99
C LEU A 124 8.57 -18.97 -4.68
N THR A 125 8.74 -19.79 -5.71
CA THR A 125 9.31 -21.11 -5.53
C THR A 125 10.78 -21.01 -5.12
N LYS A 126 11.52 -20.15 -5.81
CA LYS A 126 12.94 -19.94 -5.52
C LYS A 126 13.03 -19.31 -4.14
N MET A 127 12.02 -18.53 -3.80
CA MET A 127 11.94 -17.87 -2.53
C MET A 127 11.70 -18.92 -1.44
N LYS A 128 10.78 -19.84 -1.74
CA LYS A 128 10.41 -20.93 -0.86
C LYS A 128 11.63 -21.81 -0.52
N GLU A 129 12.38 -22.18 -1.55
CA GLU A 129 13.56 -23.02 -1.38
C GLU A 129 14.66 -22.24 -0.65
N ILE A 130 14.73 -20.93 -0.87
CA ILE A 130 15.74 -20.11 -0.20
C ILE A 130 15.54 -20.29 1.29
N ALA A 131 14.28 -20.23 1.70
CA ALA A 131 13.94 -20.38 3.11
C ALA A 131 14.19 -21.80 3.60
N GLU A 132 13.70 -22.79 2.86
CA GLU A 132 13.87 -24.19 3.23
C GLU A 132 15.34 -24.57 3.40
N ALA A 133 16.23 -23.89 2.69
CA ALA A 133 17.66 -24.18 2.78
C ALA A 133 18.21 -23.65 4.10
N TYR A 134 17.71 -22.49 4.49
CA TYR A 134 18.13 -21.87 5.74
C TYR A 134 17.48 -22.55 6.94
N LEU A 135 16.19 -22.84 6.84
CA LEU A 135 15.45 -23.48 7.93
C LEU A 135 15.61 -25.01 8.04
N GLY A 136 16.02 -25.65 6.94
CA GLY A 136 16.21 -27.09 6.92
C GLY A 136 14.94 -27.90 7.22
N LYS A 137 13.80 -27.37 6.80
CA LYS A 137 12.51 -28.01 7.03
C LYS A 137 11.58 -27.43 5.97
N THR A 138 10.63 -28.21 5.47
CA THR A 138 9.73 -27.69 4.45
C THR A 138 8.96 -26.44 4.87
N VAL A 139 8.91 -25.46 3.99
CA VAL A 139 8.20 -24.21 4.27
C VAL A 139 6.80 -24.28 3.64
N THR A 140 5.77 -23.93 4.40
CA THR A 140 4.42 -23.97 3.83
C THR A 140 3.60 -22.71 4.07
N ASN A 141 3.61 -22.22 5.30
CA ASN A 141 2.85 -21.02 5.63
C ASN A 141 3.62 -19.76 5.37
N ALA A 142 2.99 -18.84 4.63
CA ALA A 142 3.62 -17.58 4.25
C ALA A 142 2.68 -16.39 4.11
N VAL A 143 3.21 -15.21 4.43
CA VAL A 143 2.48 -13.97 4.28
C VAL A 143 3.10 -13.29 3.06
N VAL A 144 2.28 -12.98 2.07
CA VAL A 144 2.78 -12.35 0.86
C VAL A 144 2.26 -10.92 0.84
N THR A 145 3.16 -9.95 0.68
CA THR A 145 2.78 -8.54 0.65
C THR A 145 2.38 -8.11 -0.74
N VAL A 146 1.65 -7.01 -0.82
CA VAL A 146 1.18 -6.49 -2.09
C VAL A 146 0.98 -4.96 -2.00
N PRO A 147 1.04 -4.25 -3.13
CA PRO A 147 0.83 -2.80 -3.09
C PRO A 147 -0.59 -2.48 -2.57
N ALA A 148 -0.76 -1.33 -1.94
CA ALA A 148 -2.06 -0.97 -1.40
C ALA A 148 -3.14 -0.70 -2.46
N TYR A 149 -2.72 -0.23 -3.63
CA TYR A 149 -3.68 0.05 -4.69
C TYR A 149 -4.22 -1.20 -5.40
N PHE A 150 -3.53 -2.32 -5.22
CA PHE A 150 -3.97 -3.56 -5.85
C PHE A 150 -5.44 -3.83 -5.53
N ASN A 151 -6.17 -4.34 -6.52
CA ASN A 151 -7.59 -4.65 -6.37
C ASN A 151 -7.79 -6.12 -6.04
N ASP A 152 -9.03 -6.50 -5.77
CA ASP A 152 -9.31 -7.90 -5.43
C ASP A 152 -8.72 -8.86 -6.44
N SER A 153 -8.91 -8.56 -7.72
CA SER A 153 -8.41 -9.41 -8.78
C SER A 153 -6.92 -9.66 -8.60
N GLN A 154 -6.16 -8.57 -8.46
CA GLN A 154 -4.71 -8.65 -8.29
C GLN A 154 -4.29 -9.38 -7.02
N ARG A 155 -5.03 -9.17 -5.95
CA ARG A 155 -4.72 -9.83 -4.70
C ARG A 155 -4.85 -11.34 -4.85
N GLN A 156 -5.93 -11.78 -5.49
CA GLN A 156 -6.18 -13.21 -5.68
C GLN A 156 -5.14 -13.85 -6.62
N ALA A 157 -4.71 -13.10 -7.63
CA ALA A 157 -3.72 -13.63 -8.55
C ALA A 157 -2.40 -13.76 -7.80
N THR A 158 -2.09 -12.77 -6.97
CA THR A 158 -0.86 -12.84 -6.20
C THR A 158 -0.96 -14.03 -5.24
N LYS A 159 -2.17 -14.30 -4.78
CA LYS A 159 -2.41 -15.41 -3.87
C LYS A 159 -2.35 -16.76 -4.61
N ASP A 160 -2.84 -16.81 -5.85
CA ASP A 160 -2.80 -18.06 -6.63
C ASP A 160 -1.35 -18.47 -6.88
N ALA A 161 -0.52 -17.46 -7.12
CA ALA A 161 0.90 -17.65 -7.39
C ALA A 161 1.59 -18.40 -6.27
N GLY A 162 1.12 -18.20 -5.04
CA GLY A 162 1.70 -18.88 -3.90
C GLY A 162 1.19 -20.30 -3.78
N THR A 163 -0.11 -20.53 -3.99
CA THR A 163 -0.63 -21.87 -3.86
C THR A 163 -0.09 -22.73 -5.00
N ILE A 164 0.21 -22.09 -6.13
CA ILE A 164 0.75 -22.85 -7.26
C ILE A 164 2.12 -23.37 -6.89
N ALA A 165 2.79 -22.68 -5.98
CA ALA A 165 4.12 -23.08 -5.54
C ALA A 165 4.01 -23.81 -4.21
N GLY A 166 2.85 -24.41 -3.98
CA GLY A 166 2.64 -25.16 -2.74
C GLY A 166 2.74 -24.35 -1.47
N LEU A 167 2.34 -23.09 -1.53
CA LEU A 167 2.39 -22.23 -0.37
C LEU A 167 0.98 -21.95 0.10
N ASN A 168 0.79 -21.96 1.42
CA ASN A 168 -0.51 -21.66 1.98
C ASN A 168 -0.39 -20.20 2.40
N VAL A 169 -1.13 -19.32 1.72
CA VAL A 169 -1.08 -17.89 2.00
C VAL A 169 -2.02 -17.47 3.12
N LEU A 170 -1.47 -17.41 4.33
CA LEU A 170 -2.26 -17.02 5.49
C LEU A 170 -3.02 -15.76 5.24
N ARG A 171 -2.37 -14.77 4.64
CA ARG A 171 -3.02 -13.49 4.38
C ARG A 171 -2.19 -12.63 3.43
N ILE A 172 -2.85 -11.68 2.78
CA ILE A 172 -2.17 -10.76 1.88
C ILE A 172 -2.31 -9.43 2.60
N ILE A 173 -1.18 -8.80 2.93
CA ILE A 173 -1.22 -7.50 3.58
C ILE A 173 -0.55 -6.49 2.65
N ASN A 174 -0.85 -5.22 2.85
CA ASN A 174 -0.27 -4.18 2.01
C ASN A 174 1.17 -3.87 2.40
N GLU A 175 2.00 -3.58 1.40
CA GLU A 175 3.40 -3.25 1.62
C GLU A 175 3.55 -2.09 2.61
N PRO A 176 2.70 -1.05 2.48
CA PRO A 176 2.79 0.09 3.40
C PRO A 176 2.55 -0.33 4.85
N THR A 177 1.60 -1.25 5.02
CA THR A 177 1.26 -1.76 6.34
C THR A 177 2.42 -2.63 6.86
N ALA A 178 2.85 -3.61 6.07
CA ALA A 178 3.94 -4.48 6.47
C ALA A 178 5.10 -3.60 6.95
N ALA A 179 5.38 -2.53 6.22
CA ALA A 179 6.44 -1.62 6.58
C ALA A 179 6.16 -1.12 7.99
N ALA A 180 5.01 -0.47 8.18
CA ALA A 180 4.65 0.03 9.50
C ALA A 180 4.82 -1.06 10.58
N ILE A 181 4.37 -2.27 10.30
CA ILE A 181 4.49 -3.35 11.27
C ILE A 181 5.94 -3.60 11.65
N ALA A 182 6.83 -3.59 10.67
CA ALA A 182 8.25 -3.82 10.89
C ALA A 182 8.79 -2.78 11.85
N TYR A 183 8.19 -1.60 11.84
CA TYR A 183 8.61 -0.52 12.73
C TYR A 183 7.72 -0.47 13.96
N GLY A 184 6.96 -1.54 14.18
CA GLY A 184 6.06 -1.62 15.31
C GLY A 184 5.26 -0.35 15.51
N LEU A 185 4.78 0.24 14.43
CA LEU A 185 4.00 1.46 14.55
C LEU A 185 2.56 1.16 14.97
N ASP A 186 2.19 -0.11 14.93
CA ASP A 186 0.86 -0.52 15.33
C ASP A 186 0.85 -0.70 16.84
N LYS A 187 1.85 -1.42 17.34
CA LYS A 187 1.98 -1.72 18.76
C LYS A 187 2.23 -0.47 19.62
N LYS A 188 2.15 0.72 19.02
CA LYS A 188 2.38 1.94 19.77
C LYS A 188 1.04 2.53 20.24
N VAL A 189 -0.02 1.72 20.08
CA VAL A 189 -1.40 2.10 20.43
C VAL A 189 -1.59 3.09 21.57
N GLY A 190 -2.46 4.06 21.30
CA GLY A 190 -2.81 5.12 22.24
C GLY A 190 -3.73 6.02 21.45
N ALA A 191 -3.24 7.20 21.08
CA ALA A 191 -4.05 8.12 20.28
C ALA A 191 -4.03 7.56 18.86
N GLU A 192 -4.87 8.08 18.00
CA GLU A 192 -4.89 7.63 16.62
C GLU A 192 -3.58 8.16 16.01
N ARG A 193 -2.99 7.41 15.11
CA ARG A 193 -1.73 7.85 14.49
C ARG A 193 -1.77 7.82 12.96
N ASN A 194 -1.23 8.85 12.33
CA ASN A 194 -1.18 8.91 10.87
C ASN A 194 0.22 8.55 10.42
N VAL A 195 0.32 7.74 9.37
CA VAL A 195 1.62 7.30 8.90
C VAL A 195 1.80 7.45 7.42
N LEU A 196 2.89 8.08 7.01
CA LEU A 196 3.15 8.24 5.60
C LEU A 196 4.28 7.31 5.18
N ILE A 197 3.96 6.30 4.39
CA ILE A 197 4.96 5.37 3.92
C ILE A 197 5.51 5.90 2.58
N PHE A 198 6.79 6.23 2.57
CA PHE A 198 7.45 6.75 1.38
C PHE A 198 8.30 5.60 0.80
N ASP A 199 7.78 4.93 -0.24
CA ASP A 199 8.48 3.79 -0.87
C ASP A 199 9.06 4.15 -2.24
N LEU A 200 10.39 4.14 -2.36
CA LEU A 200 11.05 4.45 -3.63
C LEU A 200 11.97 3.29 -4.03
N GLY A 201 11.46 2.40 -4.86
CA GLY A 201 12.22 1.23 -5.28
C GLY A 201 13.09 1.41 -6.52
N GLY A 202 13.48 0.29 -7.11
CA GLY A 202 14.33 0.34 -8.29
C GLY A 202 13.62 0.95 -9.49
N GLY A 203 12.29 0.86 -9.51
CA GLY A 203 11.54 1.40 -10.64
C GLY A 203 10.11 1.75 -10.30
N THR A 204 9.76 1.61 -9.03
CA THR A 204 8.41 1.92 -8.59
C THR A 204 8.50 2.90 -7.44
N PHE A 205 7.52 3.80 -7.37
CA PHE A 205 7.48 4.78 -6.30
C PHE A 205 6.05 4.79 -5.80
N ASP A 206 5.89 4.63 -4.50
CA ASP A 206 4.56 4.61 -3.95
C ASP A 206 4.48 5.35 -2.62
N VAL A 207 3.47 6.20 -2.49
CA VAL A 207 3.25 6.96 -1.28
C VAL A 207 1.95 6.47 -0.65
N SER A 208 1.98 6.26 0.65
CA SER A 208 0.80 5.79 1.35
C SER A 208 0.61 6.49 2.69
N ILE A 209 -0.63 6.92 2.97
CA ILE A 209 -0.96 7.57 4.22
C ILE A 209 -1.86 6.63 5.00
N LEU A 210 -1.32 6.05 6.08
CA LEU A 210 -2.09 5.11 6.90
C LEU A 210 -2.51 5.75 8.21
N THR A 211 -3.62 5.25 8.76
CA THR A 211 -4.12 5.72 10.05
C THR A 211 -4.21 4.45 10.88
N ILE A 212 -3.42 4.40 11.96
CA ILE A 212 -3.46 3.22 12.82
C ILE A 212 -4.06 3.63 14.14
N ALA A 213 -4.75 2.69 14.76
CA ALA A 213 -5.37 2.92 16.05
C ALA A 213 -5.97 1.61 16.52
N ALA A 214 -5.69 1.24 17.77
CA ALA A 214 -6.22 0.01 18.31
C ALA A 214 -5.78 -1.18 17.46
N GLY A 215 -4.54 -1.14 16.97
CA GLY A 215 -4.02 -2.23 16.17
C GLY A 215 -4.74 -2.49 14.86
N ILE A 216 -5.51 -1.52 14.38
CA ILE A 216 -6.23 -1.65 13.12
C ILE A 216 -5.63 -0.71 12.07
N PHE A 217 -5.48 -1.22 10.85
CA PHE A 217 -4.91 -0.44 9.75
C PHE A 217 -5.91 0.02 8.69
N GLU A 218 -5.93 1.33 8.43
CA GLU A 218 -6.82 1.91 7.43
C GLU A 218 -5.99 2.71 6.43
N VAL A 219 -6.20 2.44 5.15
CA VAL A 219 -5.49 3.15 4.10
C VAL A 219 -6.25 4.42 3.72
N LYS A 220 -5.71 5.57 4.09
CA LYS A 220 -6.36 6.84 3.79
C LYS A 220 -6.16 7.24 2.33
N SER A 221 -4.93 7.23 1.86
CA SER A 221 -4.69 7.58 0.46
C SER A 221 -3.45 6.91 -0.11
N THR A 222 -3.42 6.79 -1.43
CA THR A 222 -2.28 6.19 -2.12
C THR A 222 -1.95 7.14 -3.25
N ALA A 223 -0.69 7.15 -3.66
CA ALA A 223 -0.26 8.01 -4.76
C ALA A 223 1.21 7.74 -5.06
N GLY A 224 1.63 8.02 -6.27
CA GLY A 224 3.02 7.76 -6.60
C GLY A 224 3.29 7.73 -8.08
N ASP A 225 4.36 7.05 -8.46
CA ASP A 225 4.75 6.96 -9.86
C ASP A 225 5.11 5.52 -10.16
N THR A 226 4.39 4.91 -11.10
CA THR A 226 4.64 3.50 -11.44
C THR A 226 5.80 3.26 -12.38
N HIS A 227 6.46 4.33 -12.81
CA HIS A 227 7.58 4.19 -13.72
C HIS A 227 8.73 5.11 -13.35
N LEU A 228 9.01 5.18 -12.05
CA LEU A 228 10.09 6.02 -11.55
C LEU A 228 10.87 5.24 -10.48
N GLY A 229 12.19 5.23 -10.61
CA GLY A 229 13.00 4.53 -9.63
C GLY A 229 14.49 4.64 -9.84
N GLY A 230 15.24 3.98 -8.97
CA GLY A 230 16.68 4.00 -9.05
C GLY A 230 17.19 3.95 -10.48
N GLU A 231 16.81 2.92 -11.22
CA GLU A 231 17.26 2.75 -12.59
C GLU A 231 17.29 4.10 -13.31
N ASP A 232 16.19 4.84 -13.21
CA ASP A 232 16.09 6.14 -13.84
C ASP A 232 17.25 7.07 -13.43
N PHE A 233 17.55 7.13 -12.14
CA PHE A 233 18.65 7.98 -11.67
C PHE A 233 20.01 7.57 -12.24
N ASP A 234 20.20 6.27 -12.42
CA ASP A 234 21.47 5.78 -12.97
C ASP A 234 21.55 6.25 -14.39
N ASN A 235 20.40 6.23 -15.06
CA ASN A 235 20.33 6.64 -16.46
C ASN A 235 20.83 8.07 -16.62
N ARG A 236 20.42 8.92 -15.69
CA ARG A 236 20.82 10.31 -15.71
C ARG A 236 22.34 10.40 -15.64
N MET A 237 22.95 9.48 -14.90
CA MET A 237 24.40 9.50 -14.75
C MET A 237 25.07 8.88 -15.98
N VAL A 238 24.39 7.89 -16.58
CA VAL A 238 24.90 7.19 -17.76
C VAL A 238 24.94 8.09 -18.99
N ASN A 239 23.89 8.87 -19.24
CA ASN A 239 23.89 9.78 -20.39
C ASN A 239 24.86 10.92 -20.14
N HIS A 240 24.93 11.36 -18.90
CA HIS A 240 25.86 12.43 -18.54
C HIS A 240 27.20 12.05 -19.11
N PHE A 241 27.68 10.87 -18.71
CA PHE A 241 28.99 10.38 -19.14
C PHE A 241 29.15 10.06 -20.60
N ILE A 242 28.07 9.63 -21.25
CA ILE A 242 28.15 9.33 -22.66
C ILE A 242 28.55 10.61 -23.34
N ALA A 243 27.86 11.68 -22.98
CA ALA A 243 28.11 13.01 -23.51
C ALA A 243 29.53 13.46 -23.16
N GLU A 244 29.88 13.38 -21.88
CA GLU A 244 31.21 13.78 -21.46
C GLU A 244 32.27 13.10 -22.32
N PHE A 245 32.02 11.85 -22.71
CA PHE A 245 32.96 11.12 -23.53
C PHE A 245 32.95 11.72 -24.93
N LYS A 246 31.77 11.75 -25.55
CA LYS A 246 31.62 12.29 -26.88
C LYS A 246 32.23 13.67 -26.96
N ARG A 247 32.33 14.33 -25.81
CA ARG A 247 32.88 15.67 -25.77
C ARG A 247 34.40 15.66 -25.55
N LYS A 248 34.91 14.67 -24.81
CA LYS A 248 36.34 14.59 -24.55
C LYS A 248 37.10 13.95 -25.71
N HIS A 249 36.54 12.89 -26.28
CA HIS A 249 37.22 12.18 -27.35
C HIS A 249 36.47 12.19 -28.66
N LYS A 250 35.46 13.03 -28.76
CA LYS A 250 34.68 13.13 -29.99
C LYS A 250 34.24 11.74 -30.44
N LYS A 251 33.82 10.93 -29.49
CA LYS A 251 33.38 9.57 -29.77
C LYS A 251 32.09 9.24 -29.01
N ASP A 252 31.09 8.75 -29.72
CA ASP A 252 29.82 8.38 -29.11
C ASP A 252 29.83 6.87 -28.91
N ILE A 253 29.92 6.42 -27.65
CA ILE A 253 29.97 4.98 -27.36
C ILE A 253 28.63 4.26 -27.44
N SER A 254 27.62 4.91 -27.99
CA SER A 254 26.29 4.33 -28.10
C SER A 254 26.19 3.09 -28.99
N GLU A 255 26.88 3.12 -30.12
CA GLU A 255 26.86 1.99 -31.05
C GLU A 255 27.10 0.70 -30.30
N ASN A 256 28.22 0.64 -29.61
CA ASN A 256 28.59 -0.54 -28.85
C ASN A 256 27.76 -0.74 -27.60
N LYS A 257 27.05 -1.86 -27.55
CA LYS A 257 26.20 -2.20 -26.41
C LYS A 257 26.97 -2.55 -25.14
N ARG A 258 27.96 -3.43 -25.23
CA ARG A 258 28.75 -3.79 -24.07
C ARG A 258 29.31 -2.54 -23.40
N ALA A 259 29.79 -1.58 -24.21
CA ALA A 259 30.34 -0.36 -23.66
C ALA A 259 29.33 0.28 -22.72
N VAL A 260 28.12 0.41 -23.21
CA VAL A 260 27.04 1.00 -22.46
C VAL A 260 26.76 0.19 -21.22
N ARG A 261 26.69 -1.13 -21.35
CA ARG A 261 26.42 -2.00 -20.20
C ARG A 261 27.44 -1.71 -19.11
N ARG A 262 28.72 -1.70 -19.50
CA ARG A 262 29.81 -1.44 -18.56
C ARG A 262 29.65 -0.08 -17.91
N LEU A 263 29.21 0.89 -18.68
CA LEU A 263 28.99 2.25 -18.18
C LEU A 263 27.90 2.28 -17.13
N ARG A 264 26.76 1.69 -17.47
CA ARG A 264 25.63 1.66 -16.56
C ARG A 264 25.98 0.96 -15.25
N THR A 265 26.83 -0.04 -15.29
CA THR A 265 27.22 -0.76 -14.08
C THR A 265 28.16 0.06 -13.21
N ALA A 266 29.06 0.79 -13.84
CA ALA A 266 30.01 1.63 -13.12
C ALA A 266 29.21 2.73 -12.42
N CYS A 267 28.20 3.26 -13.11
CA CYS A 267 27.36 4.31 -12.55
C CYS A 267 26.52 3.79 -11.39
N GLU A 268 26.04 2.56 -11.50
CA GLU A 268 25.22 1.96 -10.46
C GLU A 268 26.03 1.89 -9.16
N ARG A 269 27.30 1.50 -9.27
CA ARG A 269 28.15 1.41 -8.09
C ARG A 269 28.48 2.79 -7.54
N ALA A 270 28.66 3.78 -8.42
CA ALA A 270 28.96 5.15 -8.02
C ALA A 270 27.77 5.79 -7.28
N LYS A 271 26.56 5.47 -7.73
CA LYS A 271 25.37 6.02 -7.07
C LYS A 271 25.38 5.55 -5.62
N ARG A 272 25.69 4.27 -5.43
CA ARG A 272 25.72 3.69 -4.11
C ARG A 272 26.75 4.44 -3.27
N THR A 273 27.94 4.63 -3.82
CA THR A 273 29.00 5.33 -3.09
C THR A 273 28.52 6.72 -2.68
N LEU A 274 27.91 7.41 -3.63
CA LEU A 274 27.41 8.77 -3.44
C LEU A 274 26.43 8.93 -2.30
N SER A 275 25.80 7.84 -1.88
CA SER A 275 24.85 7.91 -0.77
C SER A 275 25.58 7.99 0.57
N SER A 276 26.89 7.80 0.56
CA SER A 276 27.65 7.87 1.80
C SER A 276 29.01 8.55 1.65
N SER A 277 29.25 9.14 0.50
CA SER A 277 30.49 9.86 0.25
C SER A 277 30.16 10.98 -0.73
N THR A 278 30.90 12.08 -0.66
CA THR A 278 30.66 13.23 -1.51
C THR A 278 31.23 13.18 -2.91
N GLN A 279 31.86 12.07 -3.26
CA GLN A 279 32.45 11.87 -4.58
C GLN A 279 32.30 10.41 -4.91
N ALA A 280 32.63 10.07 -6.15
CA ALA A 280 32.57 8.68 -6.58
C ALA A 280 33.55 8.63 -7.72
N SER A 281 34.30 7.54 -7.80
CA SER A 281 35.28 7.41 -8.87
C SER A 281 34.72 6.57 -10.00
N ILE A 282 35.11 6.89 -11.22
CA ILE A 282 34.65 6.15 -12.39
C ILE A 282 35.86 5.75 -13.21
N GLU A 283 36.22 4.46 -13.12
CA GLU A 283 37.37 3.92 -13.84
C GLU A 283 37.00 2.71 -14.68
N ILE A 284 37.03 2.87 -15.99
CA ILE A 284 36.72 1.77 -16.89
C ILE A 284 37.85 1.66 -17.89
N ASP A 285 38.56 0.53 -17.85
CA ASP A 285 39.69 0.26 -18.72
C ASP A 285 39.23 0.06 -20.16
N SER A 286 39.84 0.80 -21.08
CA SER A 286 39.50 0.69 -22.49
C SER A 286 37.97 0.64 -22.70
N LEU A 287 37.28 1.71 -22.31
CA LEU A 287 35.82 1.75 -22.43
C LEU A 287 35.30 1.65 -23.85
N TYR A 288 35.76 2.53 -24.74
CA TYR A 288 35.31 2.46 -26.12
C TYR A 288 36.46 2.04 -27.03
N GLU A 289 36.84 2.88 -27.99
CA GLU A 289 37.91 2.51 -28.91
C GLU A 289 39.28 2.48 -28.24
N GLY A 290 39.47 1.51 -27.34
CA GLY A 290 40.73 1.36 -26.62
C GLY A 290 40.94 2.44 -25.58
N ILE A 291 40.11 3.47 -25.66
CA ILE A 291 40.20 4.61 -24.76
C ILE A 291 39.76 4.32 -23.34
N ASP A 292 40.63 4.61 -22.39
CA ASP A 292 40.35 4.39 -20.98
C ASP A 292 39.56 5.57 -20.41
N PHE A 293 38.57 5.30 -19.58
CA PHE A 293 37.79 6.39 -19.01
C PHE A 293 37.93 6.53 -17.49
N TYR A 294 38.59 7.60 -17.05
CA TYR A 294 38.82 7.86 -15.63
C TYR A 294 38.37 9.25 -15.17
N THR A 295 37.28 9.31 -14.40
CA THR A 295 36.75 10.58 -13.87
C THR A 295 36.01 10.35 -12.55
N SER A 296 35.29 11.36 -12.10
CA SER A 296 34.56 11.26 -10.84
C SER A 296 33.43 12.28 -10.68
N ILE A 297 32.25 11.82 -10.26
CA ILE A 297 31.10 12.69 -10.05
C ILE A 297 30.99 13.05 -8.58
N THR A 298 30.50 14.26 -8.30
CA THR A 298 30.29 14.70 -6.93
C THR A 298 28.81 14.52 -6.63
N ARG A 299 28.48 14.30 -5.37
CA ARG A 299 27.08 14.12 -5.00
C ARG A 299 26.32 15.31 -5.61
N ALA A 300 26.95 16.48 -5.59
CA ALA A 300 26.33 17.69 -6.11
C ALA A 300 25.89 17.61 -7.58
N ARG A 301 26.73 17.03 -8.44
CA ARG A 301 26.33 16.92 -9.83
C ARG A 301 25.34 15.77 -9.97
N PHE A 302 25.48 14.77 -9.11
CA PHE A 302 24.52 13.68 -9.17
C PHE A 302 23.14 14.28 -8.90
N GLU A 303 23.02 15.05 -7.80
CA GLU A 303 21.77 15.69 -7.42
C GLU A 303 21.29 16.65 -8.51
N GLU A 304 22.22 17.43 -9.06
CA GLU A 304 21.89 18.35 -10.14
C GLU A 304 21.30 17.56 -11.32
N LEU A 305 21.94 16.45 -11.69
CA LEU A 305 21.46 15.63 -12.79
C LEU A 305 20.06 15.04 -12.60
N ASN A 306 19.71 14.72 -11.36
CA ASN A 306 18.39 14.16 -11.07
C ASN A 306 17.53 15.20 -10.36
N ALA A 307 17.98 16.45 -10.38
CA ALA A 307 17.25 17.52 -9.69
C ALA A 307 15.73 17.41 -9.81
N ASP A 308 15.23 17.44 -11.04
CA ASP A 308 13.79 17.35 -11.28
C ASP A 308 13.18 16.03 -10.82
N LEU A 309 13.91 14.95 -11.04
CA LEU A 309 13.44 13.64 -10.64
C LEU A 309 13.30 13.64 -9.12
N PHE A 310 14.29 14.18 -8.43
CA PHE A 310 14.22 14.19 -6.98
C PHE A 310 13.09 15.04 -6.42
N ARG A 311 12.99 16.30 -6.83
CA ARG A 311 11.93 17.15 -6.30
C ARG A 311 10.55 16.66 -6.70
N GLY A 312 10.42 16.14 -7.91
CA GLY A 312 9.13 15.63 -8.36
C GLY A 312 8.55 14.68 -7.34
N THR A 313 9.44 14.12 -6.54
CA THR A 313 9.11 13.18 -5.48
C THR A 313 8.01 13.65 -4.54
N LEU A 314 8.01 14.96 -4.22
CA LEU A 314 7.04 15.57 -3.31
C LEU A 314 5.63 15.79 -3.86
N ASP A 315 5.49 15.80 -5.18
CA ASP A 315 4.17 15.99 -5.74
C ASP A 315 3.25 14.88 -5.24
N PRO A 316 3.62 13.60 -5.44
CA PRO A 316 2.76 12.51 -4.96
C PRO A 316 2.55 12.55 -3.45
N VAL A 317 3.49 13.18 -2.75
CA VAL A 317 3.37 13.30 -1.30
C VAL A 317 2.29 14.32 -1.04
N GLU A 318 2.35 15.44 -1.76
CA GLU A 318 1.36 16.49 -1.59
C GLU A 318 0.00 15.96 -1.99
N LYS A 319 -0.10 15.32 -3.15
CA LYS A 319 -1.36 14.78 -3.59
C LYS A 319 -1.93 13.84 -2.52
N ALA A 320 -1.14 12.84 -2.14
CA ALA A 320 -1.58 11.88 -1.15
C ALA A 320 -2.07 12.59 0.10
N LEU A 321 -1.33 13.60 0.53
CA LEU A 321 -1.68 14.37 1.71
C LEU A 321 -3.04 15.06 1.52
N ARG A 322 -3.37 15.41 0.29
CA ARG A 322 -4.65 16.04 0.00
C ARG A 322 -5.78 15.02 -0.02
N ASP A 323 -5.60 13.96 -0.80
CA ASP A 323 -6.62 12.93 -0.91
C ASP A 323 -6.90 12.35 0.46
N ALA A 324 -5.94 12.48 1.36
CA ALA A 324 -6.09 11.97 2.71
C ALA A 324 -6.75 13.02 3.62
N LYS A 325 -6.97 14.21 3.06
CA LYS A 325 -7.58 15.30 3.79
C LYS A 325 -6.94 15.59 5.15
N LEU A 326 -5.72 16.09 5.10
CA LEU A 326 -4.97 16.45 6.29
C LEU A 326 -3.67 17.16 5.95
N ASP A 327 -3.18 17.94 6.92
CA ASP A 327 -1.95 18.72 6.76
C ASP A 327 -0.70 17.91 7.07
N LYS A 328 0.42 18.33 6.47
CA LYS A 328 1.69 17.65 6.69
C LYS A 328 2.00 17.49 8.17
N SER A 329 1.60 18.49 8.97
CA SER A 329 1.84 18.49 10.41
C SER A 329 1.07 17.37 11.13
N GLN A 330 0.00 16.88 10.51
CA GLN A 330 -0.80 15.82 11.10
C GLN A 330 -0.25 14.43 10.84
N ILE A 331 0.98 14.35 10.34
CA ILE A 331 1.59 13.05 10.11
C ILE A 331 2.45 12.72 11.33
N HIS A 332 2.10 11.66 12.05
CA HIS A 332 2.84 11.25 13.23
C HIS A 332 4.10 10.46 12.89
N ASP A 333 4.12 9.80 11.74
CA ASP A 333 5.27 8.98 11.35
C ASP A 333 5.59 8.97 9.87
N ILE A 334 6.88 8.98 9.57
CA ILE A 334 7.36 8.93 8.21
C ILE A 334 8.22 7.67 8.18
N VAL A 335 7.99 6.81 7.21
CA VAL A 335 8.76 5.57 7.10
C VAL A 335 9.44 5.50 5.74
N LEU A 336 10.73 5.18 5.74
CA LEU A 336 11.50 5.07 4.51
C LEU A 336 11.65 3.63 4.09
N VAL A 337 11.26 3.36 2.84
CA VAL A 337 11.36 2.01 2.29
C VAL A 337 11.78 2.11 0.83
N GLY A 338 12.58 1.15 0.40
CA GLY A 338 13.03 1.13 -0.97
C GLY A 338 14.47 1.60 -1.02
N GLY A 339 15.29 0.86 -1.77
CA GLY A 339 16.70 1.17 -1.92
C GLY A 339 17.00 2.62 -2.25
N SER A 340 16.21 3.22 -3.13
CA SER A 340 16.43 4.60 -3.48
C SER A 340 16.36 5.62 -2.33
N THR A 341 15.77 5.22 -1.20
CA THR A 341 15.65 6.14 -0.07
C THR A 341 16.95 6.33 0.71
N ARG A 342 18.04 5.79 0.19
CA ARG A 342 19.34 5.94 0.83
C ARG A 342 20.00 7.21 0.30
N ILE A 343 19.46 7.74 -0.80
CA ILE A 343 20.00 8.92 -1.44
C ILE A 343 19.83 10.17 -0.58
N PRO A 344 20.94 10.65 0.00
CA PRO A 344 20.91 11.84 0.86
C PRO A 344 19.92 12.93 0.47
N LYS A 345 19.94 13.34 -0.80
CA LYS A 345 19.06 14.41 -1.29
C LYS A 345 17.59 14.10 -1.10
N ILE A 346 17.21 12.86 -1.38
CA ILE A 346 15.83 12.42 -1.21
C ILE A 346 15.41 12.56 0.25
N GLN A 347 16.32 12.20 1.16
CA GLN A 347 16.05 12.32 2.58
C GLN A 347 15.92 13.77 2.99
N LYS A 348 16.83 14.59 2.47
CA LYS A 348 16.85 16.02 2.77
C LYS A 348 15.51 16.64 2.37
N LEU A 349 15.07 16.34 1.15
CA LEU A 349 13.80 16.89 0.65
C LEU A 349 12.63 16.43 1.52
N LEU A 350 12.51 15.13 1.70
CA LEU A 350 11.44 14.60 2.51
C LEU A 350 11.41 15.30 3.87
N GLN A 351 12.55 15.34 4.55
CA GLN A 351 12.64 15.96 5.87
C GLN A 351 12.46 17.49 5.87
N ASP A 352 12.95 18.19 4.84
CA ASP A 352 12.77 19.63 4.81
C ASP A 352 11.32 19.97 4.52
N PHE A 353 10.61 19.01 3.92
CA PHE A 353 9.19 19.17 3.59
C PHE A 353 8.37 19.12 4.87
N PHE A 354 8.80 18.30 5.81
CA PHE A 354 8.07 18.15 7.06
C PHE A 354 8.65 18.99 8.19
N ASN A 355 9.47 19.96 7.85
CA ASN A 355 10.06 20.84 8.85
C ASN A 355 11.01 20.15 9.82
N GLY A 356 11.86 19.27 9.29
CA GLY A 356 12.84 18.59 10.10
C GLY A 356 12.42 17.38 10.91
N LYS A 357 11.19 16.91 10.75
CA LYS A 357 10.74 15.75 11.53
C LYS A 357 11.70 14.57 11.35
N GLU A 358 11.81 13.75 12.40
CA GLU A 358 12.69 12.59 12.33
C GLU A 358 12.12 11.51 11.43
N LEU A 359 13.00 10.88 10.65
CA LEU A 359 12.62 9.81 9.73
C LEU A 359 12.96 8.42 10.24
N ASN A 360 12.02 7.48 10.06
CA ASN A 360 12.21 6.09 10.45
C ASN A 360 12.94 5.39 9.31
N LYS A 361 14.21 5.04 9.53
CA LYS A 361 14.99 4.44 8.47
C LYS A 361 15.99 3.41 8.93
N SER A 362 16.05 3.15 10.23
CA SER A 362 17.01 2.19 10.78
C SER A 362 16.97 0.81 10.13
N ILE A 363 15.79 0.36 9.74
CA ILE A 363 15.65 -0.94 9.10
C ILE A 363 16.00 -0.85 7.62
N ASN A 364 16.84 -1.77 7.15
CA ASN A 364 17.25 -1.78 5.76
C ASN A 364 16.02 -1.49 4.89
N PRO A 365 16.07 -0.41 4.10
CA PRO A 365 14.96 -0.04 3.24
C PRO A 365 14.54 -1.14 2.25
N ASP A 366 15.47 -2.00 1.85
CA ASP A 366 15.12 -3.07 0.92
C ASP A 366 14.46 -4.23 1.62
N GLU A 367 14.58 -4.30 2.93
CA GLU A 367 14.04 -5.42 3.66
C GLU A 367 12.82 -5.11 4.52
N ALA A 368 12.65 -3.85 4.87
CA ALA A 368 11.52 -3.41 5.69
C ALA A 368 10.26 -4.20 5.40
N VAL A 369 9.83 -4.19 4.14
CA VAL A 369 8.61 -4.89 3.77
C VAL A 369 8.68 -6.39 4.08
N ALA A 370 9.71 -7.07 3.59
CA ALA A 370 9.84 -8.50 3.84
C ALA A 370 9.88 -8.73 5.34
N TYR A 371 10.53 -7.81 6.03
CA TYR A 371 10.68 -7.84 7.48
C TYR A 371 9.33 -7.87 8.18
N GLY A 372 8.54 -6.82 7.97
CA GLY A 372 7.23 -6.73 8.59
C GLY A 372 6.30 -7.89 8.27
N ALA A 373 6.32 -8.33 7.02
CA ALA A 373 5.50 -9.45 6.59
C ALA A 373 5.91 -10.66 7.39
N ALA A 374 7.20 -10.73 7.72
CA ALA A 374 7.68 -11.85 8.49
C ALA A 374 7.15 -11.75 9.91
N VAL A 375 7.11 -10.53 10.43
CA VAL A 375 6.59 -10.33 11.78
C VAL A 375 5.10 -10.66 11.85
N GLN A 376 4.36 -10.19 10.85
CA GLN A 376 2.92 -10.44 10.81
C GLN A 376 2.66 -11.92 10.64
N ALA A 377 3.62 -12.64 10.06
CA ALA A 377 3.46 -14.07 9.83
C ALA A 377 3.50 -14.88 11.14
N ALA A 378 4.39 -14.48 12.04
CA ALA A 378 4.53 -15.15 13.33
C ALA A 378 3.25 -15.10 14.14
N ILE A 379 2.77 -13.87 14.37
CA ILE A 379 1.56 -13.64 15.14
C ILE A 379 0.41 -14.56 14.73
N LEU A 380 0.32 -14.89 13.46
CA LEU A 380 -0.74 -15.76 12.97
C LEU A 380 -0.36 -17.22 13.06
N SER A 381 0.59 -17.55 13.94
CA SER A 381 1.05 -18.93 14.13
C SER A 381 1.47 -19.19 15.58
N GLY A 382 1.98 -18.16 16.24
CA GLY A 382 2.43 -18.28 17.62
C GLY A 382 3.55 -17.32 17.96
N ASP A 383 3.21 -16.17 18.53
CA ASP A 383 4.20 -15.15 18.91
C ASP A 383 3.65 -14.20 19.98
N LYS A 384 4.35 -14.10 21.10
CA LYS A 384 3.93 -13.24 22.21
C LYS A 384 3.60 -11.84 21.70
N SER A 385 2.31 -11.47 21.78
CA SER A 385 1.85 -10.18 21.33
C SER A 385 0.62 -9.72 22.11
N GLU A 386 0.65 -9.93 23.42
CA GLU A 386 -0.47 -9.53 24.28
C GLU A 386 -0.09 -8.30 25.10
N ASN A 387 -0.29 -7.12 24.50
CA ASN A 387 0.03 -5.87 25.16
C ASN A 387 -1.13 -5.41 26.03
N VAL A 388 -2.25 -6.11 25.93
CA VAL A 388 -3.43 -5.77 26.69
C VAL A 388 -3.50 -6.54 28.01
N GLN A 389 -2.44 -6.42 28.82
CA GLN A 389 -2.37 -7.07 30.11
C GLN A 389 -1.44 -6.30 31.08
N ASP A 390 -0.96 -5.14 30.64
CA ASP A 390 -0.10 -4.31 31.47
C ASP A 390 -0.90 -3.47 32.46
N LEU A 391 -2.01 -2.89 31.99
CA LEU A 391 -2.89 -2.08 32.82
C LEU A 391 -4.19 -1.79 32.08
N LEU A 392 -4.43 -0.53 31.72
CA LEU A 392 -5.65 -0.15 31.00
C LEU A 392 -5.36 0.68 29.75
N LEU A 393 -5.54 0.08 28.57
CA LEU A 393 -5.30 0.75 27.29
C LEU A 393 -6.33 1.85 27.02
N LEU A 394 -6.33 2.37 25.78
CA LEU A 394 -7.26 3.43 25.42
C LEU A 394 -8.44 2.90 24.61
N ASP A 395 -9.63 2.96 25.21
CA ASP A 395 -10.86 2.50 24.58
C ASP A 395 -11.41 3.52 23.59
N VAL A 396 -11.43 3.15 22.31
CA VAL A 396 -11.97 4.04 21.29
C VAL A 396 -13.07 3.32 20.50
N THR A 397 -13.83 4.07 19.72
CA THR A 397 -14.90 3.47 18.95
C THR A 397 -14.36 2.53 17.87
N PRO A 398 -14.89 1.29 17.82
CA PRO A 398 -14.47 0.29 16.85
C PRO A 398 -14.89 0.64 15.42
N LEU A 399 -16.11 1.16 15.28
CA LEU A 399 -16.63 1.55 13.99
C LEU A 399 -17.30 2.92 14.05
N SER A 400 -17.27 3.64 12.93
CA SER A 400 -17.87 4.96 12.88
C SER A 400 -19.36 4.87 13.21
N LEU A 401 -19.87 5.83 13.97
CA LEU A 401 -21.29 5.85 14.31
C LEU A 401 -21.99 7.01 13.62
N GLY A 402 -23.28 6.86 13.35
CA GLY A 402 -23.99 7.94 12.67
C GLY A 402 -25.48 7.78 12.41
N ILE A 403 -25.99 8.60 11.51
CA ILE A 403 -27.42 8.60 11.18
C ILE A 403 -27.71 8.82 9.70
N GLU A 404 -28.81 8.25 9.23
CA GLU A 404 -29.19 8.40 7.84
C GLU A 404 -29.77 9.79 7.56
N THR A 405 -29.32 10.43 6.48
CA THR A 405 -29.85 11.72 6.09
C THR A 405 -30.44 11.49 4.71
N ALA A 406 -31.41 12.31 4.31
CA ALA A 406 -32.05 12.13 3.01
C ALA A 406 -31.15 11.55 1.93
N GLY A 407 -31.72 10.65 1.15
CA GLY A 407 -30.98 10.03 0.07
C GLY A 407 -30.41 8.68 0.44
N GLY A 408 -30.45 8.37 1.75
CA GLY A 408 -29.93 7.11 2.21
C GLY A 408 -28.45 7.18 2.53
N VAL A 409 -27.92 8.40 2.63
CA VAL A 409 -26.51 8.61 2.92
C VAL A 409 -26.17 8.58 4.41
N MET A 410 -24.94 8.20 4.70
CA MET A 410 -24.46 8.14 6.07
C MET A 410 -23.83 9.47 6.48
N THR A 411 -24.20 9.96 7.66
CA THR A 411 -23.65 11.19 8.21
C THR A 411 -23.14 10.82 9.60
N VAL A 412 -21.81 10.73 9.71
CA VAL A 412 -21.17 10.34 10.97
C VAL A 412 -21.30 11.35 12.07
N LEU A 413 -21.49 10.84 13.29
CA LEU A 413 -21.61 11.66 14.49
C LEU A 413 -20.33 11.47 15.30
N ILE A 414 -19.86 10.23 15.36
CA ILE A 414 -18.64 9.90 16.09
C ILE A 414 -17.82 8.96 15.23
N LYS A 415 -16.80 9.49 14.55
CA LYS A 415 -15.98 8.63 13.71
C LYS A 415 -15.23 7.61 14.56
N ARG A 416 -14.85 6.52 13.93
CA ARG A 416 -14.13 5.48 14.63
C ARG A 416 -12.81 6.02 15.15
N ASN A 417 -12.42 5.53 16.32
CA ASN A 417 -11.20 5.89 17.04
C ASN A 417 -11.32 7.04 18.02
N THR A 418 -12.51 7.63 18.14
CA THR A 418 -12.72 8.73 19.07
C THR A 418 -12.59 8.17 20.48
N THR A 419 -11.90 8.88 21.37
CA THR A 419 -11.75 8.41 22.75
C THR A 419 -13.11 7.94 23.24
N ILE A 420 -13.15 7.13 24.29
CA ILE A 420 -14.41 6.57 24.75
C ILE A 420 -15.51 7.39 25.43
N PRO A 421 -15.29 7.95 26.63
CA PRO A 421 -16.52 8.67 27.04
C PRO A 421 -16.71 10.06 26.43
N THR A 422 -17.43 10.12 25.31
CA THR A 422 -17.68 11.43 24.68
C THR A 422 -19.11 11.54 24.15
N LYS A 423 -19.60 12.78 24.10
CA LYS A 423 -20.94 13.05 23.59
C LYS A 423 -20.77 14.02 22.42
N GLN A 424 -21.29 13.65 21.26
CA GLN A 424 -21.18 14.50 20.08
C GLN A 424 -22.59 14.88 19.66
N THR A 425 -22.78 16.14 19.28
CA THR A 425 -24.09 16.61 18.90
C THR A 425 -24.05 17.31 17.54
N GLN A 426 -25.13 17.21 16.77
CA GLN A 426 -25.23 17.85 15.44
C GLN A 426 -26.68 18.22 15.13
N THR A 427 -26.90 19.31 14.40
CA THR A 427 -28.27 19.70 14.11
C THR A 427 -28.74 19.37 12.68
N PHE A 428 -30.02 19.04 12.56
CA PHE A 428 -30.62 18.68 11.28
C PHE A 428 -31.97 19.38 11.06
N THR A 429 -32.52 19.26 9.85
CA THR A 429 -33.81 19.85 9.51
C THR A 429 -34.65 18.84 8.71
N THR A 430 -35.90 19.19 8.40
CA THR A 430 -36.77 18.30 7.63
C THR A 430 -36.40 18.41 6.17
N TYR A 431 -36.77 17.39 5.39
CA TYR A 431 -36.44 17.37 3.97
C TYR A 431 -37.49 18.01 3.07
N SER A 432 -38.75 17.66 3.30
CA SER A 432 -39.84 18.23 2.51
C SER A 432 -40.59 19.21 3.39
N ASP A 433 -41.53 19.94 2.80
CA ASP A 433 -42.31 20.93 3.54
C ASP A 433 -43.27 20.33 4.56
N ASN A 434 -43.49 21.06 5.65
CA ASN A 434 -44.39 20.66 6.73
C ASN A 434 -44.34 19.17 7.03
N GLN A 435 -43.13 18.70 7.33
CA GLN A 435 -42.89 17.31 7.64
C GLN A 435 -43.37 16.96 9.05
N PRO A 436 -44.24 15.96 9.17
CA PRO A 436 -44.81 15.50 10.43
C PRO A 436 -43.75 15.25 11.48
N GLY A 437 -42.66 14.61 11.07
CA GLY A 437 -41.57 14.32 11.98
C GLY A 437 -40.38 13.73 11.26
N VAL A 438 -39.35 13.35 12.01
CA VAL A 438 -38.16 12.77 11.40
C VAL A 438 -37.89 11.38 11.95
N LEU A 439 -37.35 10.52 11.11
CA LEU A 439 -37.04 9.18 11.54
C LEU A 439 -35.54 9.14 11.86
N ILE A 440 -35.21 8.89 13.12
CA ILE A 440 -33.81 8.82 13.54
C ILE A 440 -33.37 7.37 13.42
N GLN A 441 -32.35 7.11 12.61
CA GLN A 441 -31.88 5.74 12.46
C GLN A 441 -30.37 5.59 12.57
N VAL A 442 -29.96 5.04 13.70
CA VAL A 442 -28.57 4.83 14.03
C VAL A 442 -27.89 3.75 13.16
N TYR A 443 -26.77 4.13 12.54
CA TYR A 443 -25.99 3.22 11.70
C TYR A 443 -24.54 3.12 12.13
N GLU A 444 -23.92 1.99 11.84
CA GLU A 444 -22.53 1.74 12.18
C GLU A 444 -21.85 1.21 10.94
N GLY A 445 -20.61 1.63 10.71
CA GLY A 445 -19.89 1.18 9.54
C GLY A 445 -19.07 2.31 8.97
N GLU A 446 -18.29 2.03 7.93
CA GLU A 446 -17.42 3.03 7.34
C GLU A 446 -17.75 3.39 5.91
N ARG A 447 -18.82 2.81 5.38
CA ARG A 447 -19.21 3.10 4.00
C ARG A 447 -20.00 4.38 3.90
N ALA A 448 -20.14 4.91 2.69
CA ALA A 448 -20.87 6.16 2.45
C ALA A 448 -22.40 6.08 2.59
N MET A 449 -23.03 5.10 1.94
CA MET A 449 -24.50 4.92 2.01
C MET A 449 -24.89 3.99 3.15
N THR A 450 -26.02 4.24 3.79
CA THR A 450 -26.45 3.40 4.91
C THR A 450 -26.70 1.95 4.51
N LYS A 451 -27.02 1.71 3.25
CA LYS A 451 -27.28 0.34 2.80
C LYS A 451 -26.02 -0.51 2.88
N ASP A 452 -24.87 0.15 2.96
CA ASP A 452 -23.61 -0.57 3.04
C ASP A 452 -23.06 -0.64 4.48
N ASN A 453 -23.81 -0.09 5.43
CA ASN A 453 -23.42 -0.12 6.85
C ASN A 453 -24.42 -0.96 7.64
N ASN A 454 -24.15 -1.18 8.93
CA ASN A 454 -25.04 -1.97 9.79
C ASN A 454 -25.97 -1.10 10.61
N LEU A 455 -27.26 -1.42 10.58
CA LEU A 455 -28.30 -0.68 11.32
C LEU A 455 -28.34 -1.17 12.77
N LEU A 456 -28.23 -0.26 13.73
CA LEU A 456 -28.24 -0.65 15.13
C LEU A 456 -29.55 -0.35 15.85
N GLY A 457 -30.32 0.58 15.33
CA GLY A 457 -31.59 0.92 15.96
C GLY A 457 -32.26 2.13 15.37
N LYS A 458 -33.54 2.30 15.65
CA LYS A 458 -34.26 3.46 15.13
C LYS A 458 -35.41 3.92 16.02
N PHE A 459 -35.66 5.21 16.01
CA PHE A 459 -36.77 5.77 16.76
C PHE A 459 -37.23 7.00 15.99
N GLU A 460 -38.51 7.29 16.13
CA GLU A 460 -39.10 8.42 15.43
C GLU A 460 -39.25 9.62 16.34
N LEU A 461 -39.43 10.80 15.75
CA LEU A 461 -39.62 12.02 16.51
C LEU A 461 -40.75 12.76 15.81
N THR A 462 -41.97 12.49 16.27
CA THR A 462 -43.18 13.10 15.70
C THR A 462 -43.52 14.40 16.39
N GLY A 463 -44.53 15.09 15.88
CA GLY A 463 -44.94 16.35 16.49
C GLY A 463 -44.23 17.60 16.00
N ILE A 464 -43.45 17.49 14.93
CA ILE A 464 -42.76 18.66 14.42
C ILE A 464 -43.78 19.65 13.87
N PRO A 465 -43.80 20.87 14.42
CA PRO A 465 -44.73 21.92 14.00
C PRO A 465 -44.51 22.24 12.52
N PRO A 466 -45.56 22.09 11.68
CA PRO A 466 -45.49 22.36 10.23
C PRO A 466 -44.67 23.62 9.96
N ALA A 467 -43.68 23.49 9.08
CA ALA A 467 -42.82 24.62 8.76
C ALA A 467 -42.21 24.45 7.38
N PRO A 468 -41.79 25.57 6.78
CA PRO A 468 -41.18 25.50 5.45
C PRO A 468 -39.97 24.59 5.52
N ARG A 469 -39.81 23.74 4.51
CA ARG A 469 -38.70 22.82 4.45
C ARG A 469 -37.40 23.51 4.86
N GLY A 470 -36.67 22.89 5.79
CA GLY A 470 -35.41 23.42 6.25
C GLY A 470 -35.46 24.38 7.44
N VAL A 471 -36.61 24.45 8.09
CA VAL A 471 -36.79 25.33 9.24
C VAL A 471 -36.69 24.59 10.57
N PRO A 472 -37.40 23.45 10.69
CA PRO A 472 -37.31 22.75 11.96
C PRO A 472 -35.86 22.46 12.32
N GLN A 473 -35.54 22.56 13.62
CA GLN A 473 -34.20 22.30 14.12
C GLN A 473 -34.20 21.12 15.09
N ILE A 474 -33.62 20.00 14.67
CA ILE A 474 -33.55 18.82 15.53
C ILE A 474 -32.11 18.60 15.95
N GLU A 475 -31.86 18.60 17.25
CA GLU A 475 -30.51 18.41 17.76
C GLU A 475 -30.33 16.95 18.16
N VAL A 476 -29.58 16.20 17.35
CA VAL A 476 -29.34 14.80 17.65
C VAL A 476 -28.08 14.64 18.48
N THR A 477 -28.14 13.74 19.47
CA THR A 477 -27.01 13.52 20.36
C THR A 477 -26.61 12.06 20.52
N PHE A 478 -25.30 11.81 20.37
CA PHE A 478 -24.75 10.46 20.52
C PHE A 478 -23.88 10.43 21.79
N ASP A 479 -24.41 9.84 22.85
CA ASP A 479 -23.68 9.76 24.11
C ASP A 479 -23.18 8.36 24.43
N ILE A 480 -21.86 8.23 24.54
CA ILE A 480 -21.23 6.96 24.85
C ILE A 480 -20.54 7.02 26.20
N ASP A 481 -21.01 6.19 27.14
CA ASP A 481 -20.42 6.18 28.47
C ASP A 481 -19.21 5.25 28.58
N ALA A 482 -18.59 5.28 29.76
CA ALA A 482 -17.43 4.48 30.07
C ALA A 482 -17.58 3.01 29.71
N ASN A 483 -18.67 2.40 30.15
CA ASN A 483 -18.88 0.99 29.89
C ASN A 483 -19.27 0.70 28.44
N GLY A 484 -19.26 1.74 27.61
CA GLY A 484 -19.56 1.55 26.19
C GLY A 484 -20.98 1.72 25.68
N ILE A 485 -21.95 1.89 26.56
CA ILE A 485 -23.32 2.05 26.10
C ILE A 485 -23.53 3.34 25.31
N LEU A 486 -24.36 3.26 24.27
CA LEU A 486 -24.67 4.39 23.41
C LEU A 486 -26.09 4.87 23.66
N ASN A 487 -26.28 6.17 23.75
CA ASN A 487 -27.61 6.71 23.96
C ASN A 487 -27.87 7.77 22.91
N VAL A 488 -28.77 7.48 21.97
CA VAL A 488 -29.08 8.42 20.91
C VAL A 488 -30.41 9.13 21.17
N SER A 489 -30.34 10.45 21.26
CA SER A 489 -31.54 11.25 21.53
C SER A 489 -31.71 12.42 20.56
N ALA A 490 -32.96 12.78 20.32
CA ALA A 490 -33.28 13.87 19.42
C ALA A 490 -34.17 14.90 20.11
N VAL A 491 -33.86 16.17 19.91
CA VAL A 491 -34.63 17.25 20.48
C VAL A 491 -35.06 18.28 19.45
N ASP A 492 -36.36 18.54 19.39
CA ASP A 492 -36.89 19.55 18.48
C ASP A 492 -36.63 20.86 19.22
N LYS A 493 -35.61 21.58 18.77
CA LYS A 493 -35.20 22.84 19.38
C LYS A 493 -36.17 24.01 19.47
N SER A 494 -37.37 23.84 18.91
CA SER A 494 -38.34 24.93 18.99
C SER A 494 -39.33 24.67 20.11
N THR A 495 -39.35 23.42 20.60
CA THR A 495 -40.30 23.04 21.65
C THR A 495 -39.73 22.38 22.92
N GLY A 496 -38.63 21.64 22.78
CA GLY A 496 -38.06 20.96 23.94
C GLY A 496 -38.36 19.47 23.95
N LYS A 497 -39.38 19.05 23.20
CA LYS A 497 -39.75 17.64 23.10
C LYS A 497 -38.55 16.78 22.70
N GLU A 498 -38.49 15.57 23.22
CA GLU A 498 -37.39 14.68 22.90
C GLU A 498 -37.81 13.21 22.81
N ASN A 499 -36.88 12.40 22.35
CA ASN A 499 -37.09 10.97 22.24
C ASN A 499 -35.70 10.36 22.19
N LYS A 500 -35.55 9.19 22.79
CA LYS A 500 -34.24 8.55 22.83
C LYS A 500 -34.34 7.04 22.70
N ILE A 501 -33.20 6.43 22.47
CA ILE A 501 -33.10 4.99 22.36
C ILE A 501 -31.74 4.62 22.90
N THR A 502 -31.69 3.58 23.70
CA THR A 502 -30.42 3.16 24.24
C THR A 502 -29.97 1.94 23.44
N ILE A 503 -28.73 1.97 22.96
CA ILE A 503 -28.23 0.86 22.19
C ILE A 503 -27.16 0.08 22.96
N THR A 504 -27.37 -1.22 23.04
CA THR A 504 -26.45 -2.11 23.75
C THR A 504 -25.20 -2.40 22.92
N ASN A 505 -24.14 -1.60 23.14
CA ASN A 505 -22.88 -1.78 22.42
C ASN A 505 -22.00 -2.76 23.20
N ASP A 506 -22.61 -3.47 24.15
CA ASP A 506 -21.89 -4.42 24.99
C ASP A 506 -21.97 -5.88 24.55
N LYS A 507 -20.78 -6.49 24.47
CA LYS A 507 -20.54 -7.88 24.08
C LYS A 507 -19.62 -7.92 22.86
N GLY A 508 -18.64 -8.82 22.89
CA GLY A 508 -17.72 -8.94 21.77
C GLY A 508 -18.49 -9.29 20.52
N ARG A 509 -19.25 -8.33 20.00
CA ARG A 509 -20.04 -8.54 18.80
C ARG A 509 -19.23 -8.25 17.55
N LEU A 510 -18.02 -7.73 17.75
CA LEU A 510 -17.12 -7.41 16.65
C LEU A 510 -15.69 -7.81 16.98
N SER A 511 -15.16 -8.77 16.22
CA SER A 511 -13.80 -9.25 16.43
C SER A 511 -12.85 -8.40 15.61
N LYS A 512 -11.56 -8.50 15.92
CA LYS A 512 -10.56 -7.74 15.18
C LYS A 512 -10.86 -7.88 13.70
N GLU A 513 -11.23 -9.10 13.31
CA GLU A 513 -11.53 -9.42 11.91
C GLU A 513 -12.64 -8.59 11.28
N ASP A 514 -13.78 -8.49 11.96
CA ASP A 514 -14.91 -7.73 11.42
C ASP A 514 -14.53 -6.28 11.09
N ILE A 515 -13.87 -5.64 12.04
CA ILE A 515 -13.44 -4.26 11.86
C ILE A 515 -12.63 -4.15 10.58
N GLU A 516 -11.49 -4.82 10.58
CA GLU A 516 -10.58 -4.82 9.44
C GLU A 516 -11.33 -5.11 8.14
N ARG A 517 -12.04 -6.22 8.14
CA ARG A 517 -12.80 -6.64 6.96
C ARG A 517 -13.63 -5.46 6.45
N MET A 518 -14.19 -4.69 7.38
CA MET A 518 -15.00 -3.53 7.02
C MET A 518 -14.19 -2.31 6.62
N VAL A 519 -13.08 -2.04 7.28
CA VAL A 519 -12.28 -0.91 6.88
C VAL A 519 -11.73 -1.18 5.48
N GLN A 520 -11.35 -2.43 5.22
CA GLN A 520 -10.81 -2.80 3.91
C GLN A 520 -11.82 -2.49 2.81
N GLU A 521 -13.09 -2.78 3.06
CA GLU A 521 -14.13 -2.50 2.08
C GLU A 521 -14.29 -1.01 1.82
N ALA A 522 -14.29 -0.23 2.88
CA ALA A 522 -14.42 1.22 2.78
C ALA A 522 -13.36 1.79 1.84
N GLU A 523 -12.14 1.28 1.93
CA GLU A 523 -11.05 1.75 1.08
C GLU A 523 -11.10 1.09 -0.30
N LYS A 524 -11.72 -0.08 -0.36
CA LYS A 524 -11.88 -0.82 -1.62
C LYS A 524 -12.94 -0.13 -2.47
N TYR A 525 -13.80 0.65 -1.82
CA TYR A 525 -14.87 1.39 -2.50
C TYR A 525 -14.68 2.90 -2.40
N LYS A 526 -13.49 3.34 -2.03
CA LYS A 526 -13.21 4.76 -1.92
C LYS A 526 -13.09 5.34 -3.32
N ALA A 527 -14.23 5.79 -3.83
CA ALA A 527 -14.35 6.36 -5.16
C ALA A 527 -15.85 6.39 -5.33
N GLU A 528 -16.46 5.22 -5.45
CA GLU A 528 -17.91 5.17 -5.57
C GLU A 528 -18.35 6.00 -4.37
N ASP A 529 -17.64 5.83 -3.27
CA ASP A 529 -17.93 6.54 -2.04
C ASP A 529 -17.57 8.02 -2.13
N GLU A 530 -16.28 8.33 -2.29
CA GLU A 530 -15.85 9.71 -2.38
C GLU A 530 -16.56 10.47 -3.51
N LYS A 531 -17.28 9.73 -4.37
CA LYS A 531 -18.03 10.35 -5.46
C LYS A 531 -19.49 10.44 -5.06
N GLN A 532 -20.01 9.41 -4.40
CA GLN A 532 -21.39 9.42 -3.93
C GLN A 532 -21.44 10.51 -2.87
N ARG A 533 -20.25 10.96 -2.48
CA ARG A 533 -20.06 12.00 -1.48
C ARG A 533 -20.42 13.33 -2.13
N ASP A 534 -21.45 13.31 -2.99
CA ASP A 534 -21.87 14.51 -3.67
C ASP A 534 -23.30 14.38 -4.19
N LYS A 535 -23.89 13.21 -3.97
CA LYS A 535 -25.25 12.95 -4.44
C LYS A 535 -26.22 14.07 -4.04
N VAL A 536 -26.54 14.15 -2.75
CA VAL A 536 -27.45 15.18 -2.26
C VAL A 536 -26.64 16.33 -1.64
N SER A 537 -27.14 16.95 -0.58
CA SER A 537 -26.43 18.04 0.09
C SER A 537 -27.10 18.43 1.40
N SER A 538 -26.27 18.75 2.40
CA SER A 538 -26.74 19.16 3.74
C SER A 538 -27.01 18.02 4.71
N LYS A 539 -27.56 18.37 5.87
CA LYS A 539 -27.89 17.41 6.90
C LYS A 539 -29.37 17.50 7.26
N ASN A 540 -30.20 16.83 6.47
CA ASN A 540 -31.64 16.81 6.68
C ASN A 540 -32.15 15.39 6.82
N SER A 541 -33.16 15.21 7.68
CA SER A 541 -33.72 13.89 7.95
C SER A 541 -34.97 13.55 7.12
N LEU A 542 -34.94 12.38 6.51
CA LEU A 542 -36.02 11.89 5.66
C LEU A 542 -37.40 11.85 6.31
N GLU A 543 -38.38 12.15 5.46
CA GLU A 543 -39.81 12.24 5.80
C GLU A 543 -40.39 11.13 6.66
N SER A 544 -39.52 10.47 7.42
CA SER A 544 -39.92 9.38 8.28
C SER A 544 -39.93 8.05 7.53
N TYR A 545 -39.06 7.95 6.53
CA TYR A 545 -38.95 6.70 5.77
C TYR A 545 -37.48 6.30 5.63
N ALA A 546 -37.21 5.02 5.87
CA ALA A 546 -35.87 4.50 5.74
C ALA A 546 -35.68 4.33 4.26
N PHE A 547 -34.44 4.42 3.77
CA PHE A 547 -34.22 4.27 2.35
C PHE A 547 -34.56 2.86 1.89
N ASN A 548 -35.39 2.17 2.66
CA ASN A 548 -35.87 0.82 2.37
C ASN A 548 -37.17 0.92 1.58
N MET A 549 -37.29 1.97 0.76
CA MET A 549 -38.48 2.15 -0.06
C MET A 549 -38.20 1.42 -1.37
N LYS A 550 -38.98 1.71 -2.40
CA LYS A 550 -38.76 1.04 -3.68
C LYS A 550 -37.52 1.47 -4.44
N ALA A 551 -36.65 0.50 -4.72
CA ALA A 551 -35.42 0.75 -5.46
C ALA A 551 -35.78 0.90 -6.94
N THR A 552 -34.99 1.67 -7.66
CA THR A 552 -35.25 1.91 -9.08
C THR A 552 -34.32 1.20 -10.06
N VAL A 553 -33.92 1.92 -11.11
CA VAL A 553 -33.05 1.39 -12.17
C VAL A 553 -31.55 1.56 -11.93
N GLU A 554 -30.77 1.14 -12.93
CA GLU A 554 -29.31 1.22 -12.88
C GLU A 554 -28.88 2.57 -13.47
#